data_4YQ7
#
_entry.id   4YQ7
#
_cell.length_a   94.027
_cell.length_b   94.027
_cell.length_c   178.534
_cell.angle_alpha   90.000
_cell.angle_beta   90.000
_cell.angle_gamma   120.000
#
_symmetry.space_group_name_H-M   'H 3 2'
#
loop_
_entity.id
_entity.type
_entity.pdbx_description
1 polymer 'tRNA (guanine-N(1)-)-methyltransferase'
2 non-polymer 6-{[2-(dimethylamino)benzyl]amino}pyridine-3-carboxamide
3 water water
#
_entity_poly.entity_id   1
_entity_poly.type   'polypeptide(L)'
_entity_poly.pdbx_seq_one_letter_code
;GLVPRGSHMWIGVISLFPEMFKAITEFGVTGRAVKHNLLKVECWNPRDFTFDKHKTVDDRPYGGGPGMLMMVQPLRDAIH
TAKAAAGEGAKVIYLSPQGRKLDQGGVTELAQNQKLILVCGRYEGIDERLIQTEIDEEWSIGDYVLTGGELPAMTLIDAV
ARFIPGVLGKQASAEEDSFADGLLDCPHYTRPEVLEGLTVPPVLMSGHHEEIRKWRLKQSLQRTWLRRPELLEGLALTDE
QRKLLKEAQAEHNS
;
_entity_poly.pdbx_strand_id   A
#
# COMPACT_ATOMS: atom_id res chain seq x y z
N GLY A 6 -5.80 -9.65 -17.94
CA GLY A 6 -6.66 -8.59 -18.46
C GLY A 6 -5.91 -7.30 -18.20
N SER A 7 -6.38 -6.53 -17.21
CA SER A 7 -5.55 -5.45 -16.70
C SER A 7 -4.55 -5.95 -15.68
N HIS A 8 -4.00 -7.14 -15.93
CA HIS A 8 -3.03 -7.74 -15.04
C HIS A 8 -1.84 -6.81 -14.80
N MET A 9 -1.12 -7.11 -13.74
CA MET A 9 -0.05 -6.25 -13.28
C MET A 9 1.13 -7.14 -13.00
N TRP A 10 2.31 -6.67 -13.36
CA TRP A 10 3.55 -7.39 -13.10
C TRP A 10 4.37 -6.51 -12.17
N ILE A 11 4.85 -7.11 -11.08
CA ILE A 11 5.66 -6.36 -10.13
C ILE A 11 6.98 -7.09 -9.92
N GLY A 12 8.08 -6.45 -10.32
CA GLY A 12 9.40 -6.95 -10.02
C GLY A 12 9.81 -6.41 -8.64
N VAL A 13 10.51 -7.23 -7.88
CA VAL A 13 10.91 -6.85 -6.53
C VAL A 13 12.40 -7.12 -6.40
N ILE A 14 13.14 -6.16 -5.85
CA ILE A 14 14.54 -6.37 -5.54
C ILE A 14 14.63 -6.44 -4.02
N SER A 15 15.03 -7.58 -3.47
CA SER A 15 15.05 -7.72 -2.01
C SER A 15 16.05 -8.77 -1.60
N LEU A 16 16.77 -8.51 -0.48
CA LEU A 16 17.60 -9.52 0.15
C LEU A 16 16.80 -10.63 0.85
N PHE A 17 15.47 -10.44 1.03
CA PHE A 17 14.62 -11.44 1.71
C PHE A 17 13.38 -11.73 0.88
N PRO A 18 13.56 -12.28 -0.31
CA PRO A 18 12.42 -12.51 -1.19
C PRO A 18 11.37 -13.44 -0.60
N GLU A 19 11.75 -14.35 0.29
CA GLU A 19 10.75 -15.21 0.93
C GLU A 19 9.73 -14.45 1.74
N MET A 20 10.04 -13.23 2.20
CA MET A 20 8.98 -12.46 2.89
C MET A 20 7.75 -12.28 2.01
N PHE A 21 7.94 -12.21 0.68
CA PHE A 21 6.84 -11.95 -0.23
C PHE A 21 5.85 -13.09 -0.30
N LYS A 22 6.20 -14.28 0.18
CA LYS A 22 5.18 -15.33 0.30
C LYS A 22 3.99 -14.86 1.10
N ALA A 23 4.18 -13.88 2.01
CA ALA A 23 3.05 -13.43 2.81
C ALA A 23 1.95 -12.87 1.92
N ILE A 24 2.32 -12.23 0.80
CA ILE A 24 1.27 -11.79 -0.10
C ILE A 24 1.00 -12.77 -1.25
N THR A 25 2.01 -13.54 -1.68
CA THR A 25 1.78 -14.37 -2.88
C THR A 25 1.13 -15.70 -2.58
N GLU A 26 1.14 -16.15 -1.32
CA GLU A 26 0.62 -17.46 -0.99
C GLU A 26 -0.72 -17.44 -0.25
N PHE A 27 -1.26 -16.27 0.12
CA PHE A 27 -2.40 -16.22 1.05
C PHE A 27 -3.43 -15.17 0.65
N GLY A 28 -4.69 -15.46 0.99
CA GLY A 28 -5.77 -14.51 0.90
C GLY A 28 -6.05 -14.06 -0.52
N VAL A 29 -6.60 -12.87 -0.60
CA VAL A 29 -7.01 -12.25 -1.87
C VAL A 29 -5.83 -12.07 -2.81
N THR A 30 -4.67 -11.64 -2.30
CA THR A 30 -3.52 -11.45 -3.17
C THR A 30 -2.96 -12.80 -3.63
N GLY A 31 -3.00 -13.82 -2.76
CA GLY A 31 -2.54 -15.15 -3.16
C GLY A 31 -3.40 -15.71 -4.29
N ARG A 32 -4.71 -15.45 -4.22
CA ARG A 32 -5.58 -15.87 -5.31
CA ARG A 32 -5.60 -15.86 -5.31
C ARG A 32 -5.28 -15.10 -6.59
N ALA A 33 -5.05 -13.77 -6.47
CA ALA A 33 -4.66 -13.00 -7.66
C ALA A 33 -3.43 -13.57 -8.32
N VAL A 34 -2.43 -13.97 -7.53
CA VAL A 34 -1.21 -14.58 -8.09
C VAL A 34 -1.55 -15.92 -8.74
N LYS A 35 -2.26 -16.79 -8.01
CA LYS A 35 -2.61 -18.11 -8.58
C LYS A 35 -3.38 -17.97 -9.89
N HIS A 36 -4.27 -16.99 -9.99
CA HIS A 36 -5.09 -16.83 -11.20
C HIS A 36 -4.41 -15.97 -12.26
N ASN A 37 -3.13 -15.62 -12.10
CA ASN A 37 -2.38 -14.86 -13.09
C ASN A 37 -2.88 -13.44 -13.27
N LEU A 38 -3.58 -12.85 -12.30
CA LEU A 38 -3.96 -11.46 -12.40
C LEU A 38 -2.81 -10.57 -11.94
N LEU A 39 -1.97 -11.10 -11.05
CA LEU A 39 -0.85 -10.39 -10.45
C LEU A 39 0.34 -11.33 -10.55
N LYS A 40 1.47 -10.82 -11.07
CA LYS A 40 2.70 -11.60 -11.06
C LYS A 40 3.70 -10.84 -10.23
N VAL A 41 4.36 -11.52 -9.31
CA VAL A 41 5.36 -10.88 -8.48
C VAL A 41 6.66 -11.67 -8.71
N GLU A 42 7.70 -11.00 -9.15
CA GLU A 42 8.93 -11.70 -9.49
C GLU A 42 10.07 -11.05 -8.71
N CYS A 43 10.89 -11.84 -8.01
CA CYS A 43 11.88 -11.27 -7.08
C CYS A 43 13.30 -11.55 -7.57
N TRP A 44 14.17 -10.55 -7.45
CA TRP A 44 15.62 -10.73 -7.62
C TRP A 44 16.32 -10.34 -6.33
N ASN A 45 17.30 -11.14 -5.92
CA ASN A 45 18.00 -10.95 -4.65
C ASN A 45 19.42 -10.48 -4.96
N PRO A 46 19.82 -9.27 -4.53
CA PRO A 46 21.23 -8.82 -4.71
C PRO A 46 22.27 -9.85 -4.30
N ARG A 47 21.98 -10.72 -3.31
CA ARG A 47 22.97 -11.72 -2.91
C ARG A 47 23.36 -12.61 -4.10
N ASP A 48 22.43 -12.88 -5.01
CA ASP A 48 22.75 -13.72 -6.16
C ASP A 48 23.63 -13.03 -7.20
N PHE A 49 23.82 -11.72 -7.07
CA PHE A 49 24.65 -10.94 -7.99
C PHE A 49 25.99 -10.61 -7.39
N THR A 50 26.34 -11.23 -6.25
CA THR A 50 27.67 -11.02 -5.68
C THR A 50 28.66 -11.96 -6.33
N PHE A 51 29.93 -11.63 -6.15
CA PHE A 51 31.00 -12.50 -6.66
C PHE A 51 32.04 -12.90 -5.64
N ASP A 52 32.04 -12.29 -4.44
CA ASP A 52 33.04 -12.71 -3.47
C ASP A 52 32.55 -13.97 -2.73
N LYS A 53 33.49 -14.64 -2.05
CA LYS A 53 33.17 -15.91 -1.42
C LYS A 53 32.07 -15.76 -0.38
N HIS A 54 32.03 -14.64 0.33
CA HIS A 54 31.04 -14.52 1.38
C HIS A 54 29.76 -13.80 0.94
N LYS A 55 29.59 -13.56 -0.36
CA LYS A 55 28.36 -13.01 -0.90
C LYS A 55 27.95 -11.71 -0.18
N THR A 56 28.88 -10.77 -0.15
CA THR A 56 28.72 -9.54 0.63
C THR A 56 27.76 -8.59 -0.06
N VAL A 57 26.75 -8.12 0.68
CA VAL A 57 25.73 -7.25 0.13
C VAL A 57 25.68 -5.90 0.81
N ASP A 58 26.51 -5.65 1.83
CA ASP A 58 26.55 -4.34 2.46
C ASP A 58 27.93 -3.69 2.25
N ASP A 59 28.00 -2.40 2.57
CA ASP A 59 29.27 -1.67 2.38
C ASP A 59 29.26 -0.47 3.31
N ARG A 60 30.47 0.08 3.57
CA ARG A 60 30.64 1.15 4.54
C ARG A 60 30.31 2.50 3.91
N PRO A 61 29.66 3.40 4.66
CA PRO A 61 29.37 4.73 4.13
C PRO A 61 30.62 5.61 4.14
N TYR A 62 30.86 6.32 3.03
CA TYR A 62 31.83 7.40 3.09
C TYR A 62 31.45 8.39 4.18
N GLY A 63 32.43 8.86 4.92
CA GLY A 63 32.18 9.81 5.98
C GLY A 63 32.07 9.21 7.34
N GLY A 64 32.10 7.88 7.44
CA GLY A 64 31.91 7.22 8.71
C GLY A 64 30.46 7.27 9.14
N GLY A 65 30.25 6.85 10.37
CA GLY A 65 28.91 6.67 10.86
C GLY A 65 28.79 5.24 11.32
N PRO A 66 27.74 4.94 12.09
CA PRO A 66 27.65 3.60 12.67
C PRO A 66 27.06 2.56 11.72
N GLY A 67 26.36 2.96 10.67
CA GLY A 67 25.59 2.03 9.88
C GLY A 67 26.34 1.52 8.65
N MET A 68 25.67 0.66 7.91
CA MET A 68 26.15 0.21 6.61
C MET A 68 25.11 0.61 5.56
N LEU A 69 25.49 0.55 4.30
CA LEU A 69 24.56 0.77 3.20
C LEU A 69 24.50 -0.51 2.39
N MET A 70 23.50 -0.62 1.52
CA MET A 70 23.57 -1.71 0.57
CA MET A 70 23.51 -1.67 0.50
C MET A 70 24.74 -1.48 -0.38
N MET A 71 25.47 -2.56 -0.63
CA MET A 71 26.60 -2.48 -1.56
C MET A 71 26.10 -2.17 -2.97
N VAL A 72 26.78 -1.25 -3.69
CA VAL A 72 26.23 -0.75 -4.96
C VAL A 72 26.19 -1.85 -6.02
N GLN A 73 27.33 -2.55 -6.25
CA GLN A 73 27.41 -3.44 -7.41
C GLN A 73 26.34 -4.54 -7.45
N PRO A 74 26.13 -5.33 -6.40
CA PRO A 74 25.11 -6.38 -6.49
C PRO A 74 23.72 -5.81 -6.61
N LEU A 75 23.45 -4.65 -5.97
CA LEU A 75 22.12 -4.04 -6.06
C LEU A 75 21.87 -3.48 -7.45
N ARG A 76 22.86 -2.79 -8.00
CA ARG A 76 22.72 -2.21 -9.33
C ARG A 76 22.49 -3.32 -10.36
N ASP A 77 23.28 -4.39 -10.27
CA ASP A 77 23.14 -5.50 -11.21
C ASP A 77 21.76 -6.16 -11.08
N ALA A 78 21.27 -6.29 -9.86
CA ALA A 78 19.93 -6.89 -9.70
C ALA A 78 18.86 -5.98 -10.32
N ILE A 79 18.99 -4.68 -10.11
CA ILE A 79 18.06 -3.75 -10.70
C ILE A 79 18.10 -3.84 -12.22
N HIS A 80 19.31 -3.86 -12.79
CA HIS A 80 19.39 -3.95 -14.25
C HIS A 80 18.74 -5.21 -14.80
N THR A 81 18.89 -6.34 -14.09
CA THR A 81 18.27 -7.57 -14.53
C THR A 81 16.74 -7.49 -14.49
N ALA A 82 16.19 -6.91 -13.42
CA ALA A 82 14.74 -6.72 -13.32
C ALA A 82 14.23 -5.81 -14.44
N LYS A 83 14.98 -4.74 -14.76
CA LYS A 83 14.55 -3.81 -15.82
C LYS A 83 14.58 -4.51 -17.17
N ALA A 84 15.57 -5.38 -17.37
CA ALA A 84 15.61 -6.13 -18.63
C ALA A 84 14.45 -7.12 -18.72
N ALA A 85 14.10 -7.77 -17.61
CA ALA A 85 12.94 -8.66 -17.62
C ALA A 85 11.64 -7.90 -17.82
N ALA A 86 11.54 -6.66 -17.32
CA ALA A 86 10.27 -5.92 -17.40
C ALA A 86 10.00 -5.46 -18.83
N GLY A 87 11.05 -5.28 -19.61
CA GLY A 87 10.89 -4.64 -20.89
C GLY A 87 10.57 -3.18 -20.67
N GLU A 88 9.91 -2.60 -21.67
CA GLU A 88 9.72 -1.15 -21.69
C GLU A 88 8.53 -0.75 -20.83
N GLY A 89 8.63 0.45 -20.26
CA GLY A 89 7.53 1.04 -19.52
C GLY A 89 7.35 0.68 -18.05
N ALA A 90 8.34 0.06 -17.39
CA ALA A 90 8.22 -0.22 -15.96
C ALA A 90 8.71 0.98 -15.19
N LYS A 91 7.96 1.39 -14.19
CA LYS A 91 8.35 2.47 -13.31
C LYS A 91 9.06 1.85 -12.12
N VAL A 92 10.24 2.39 -11.77
CA VAL A 92 11.07 1.84 -10.70
C VAL A 92 10.84 2.70 -9.45
N ILE A 93 10.41 2.06 -8.36
CA ILE A 93 9.99 2.76 -7.13
C ILE A 93 10.94 2.34 -6.02
N TYR A 94 11.42 3.30 -5.24
CA TYR A 94 12.22 2.99 -4.05
C TYR A 94 11.38 3.35 -2.82
N LEU A 95 11.25 2.40 -1.89
CA LEU A 95 10.39 2.64 -0.72
C LEU A 95 11.25 3.24 0.38
N SER A 96 10.90 4.43 0.86
CA SER A 96 11.71 5.02 1.93
C SER A 96 10.88 6.05 2.67
N PRO A 97 11.28 6.39 3.89
CA PRO A 97 10.61 7.48 4.62
C PRO A 97 10.78 8.84 3.96
N GLN A 98 11.81 9.00 3.13
CA GLN A 98 12.03 10.26 2.40
C GLN A 98 11.10 10.43 1.21
N GLY A 99 10.25 9.45 0.92
CA GLY A 99 9.48 9.49 -0.30
C GLY A 99 8.13 10.20 -0.13
N ARG A 100 7.45 10.34 -1.25
CA ARG A 100 6.08 10.86 -1.29
C ARG A 100 5.16 9.98 -0.43
N LYS A 101 4.40 10.62 0.44
CA LYS A 101 3.57 9.87 1.37
C LYS A 101 2.42 9.16 0.63
N LEU A 102 2.32 7.84 0.76
CA LEU A 102 1.24 7.12 0.09
C LEU A 102 -0.12 7.41 0.72
N ASP A 103 -1.13 7.60 -0.12
CA ASP A 103 -2.52 7.67 0.31
C ASP A 103 -3.33 7.03 -0.79
N GLN A 104 -4.67 6.99 -0.66
CA GLN A 104 -5.44 6.18 -1.62
C GLN A 104 -5.38 6.78 -3.02
N GLY A 105 -5.32 8.10 -3.14
CA GLY A 105 -5.16 8.70 -4.45
C GLY A 105 -3.84 8.31 -5.08
N GLY A 106 -2.78 8.25 -4.26
CA GLY A 106 -1.51 7.78 -4.79
C GLY A 106 -1.52 6.30 -5.17
N VAL A 107 -2.24 5.46 -4.41
CA VAL A 107 -2.38 4.05 -4.81
C VAL A 107 -3.04 3.96 -6.18
N THR A 108 -4.11 4.73 -6.39
CA THR A 108 -4.81 4.62 -7.67
C THR A 108 -3.94 5.18 -8.80
N GLU A 109 -3.09 6.16 -8.51
CA GLU A 109 -2.10 6.59 -9.51
C GLU A 109 -1.12 5.47 -9.86
N LEU A 110 -0.56 4.83 -8.82
CA LEU A 110 0.39 3.75 -9.05
C LEU A 110 -0.25 2.57 -9.74
N ALA A 111 -1.53 2.32 -9.47
CA ALA A 111 -2.21 1.18 -10.07
C ALA A 111 -2.40 1.34 -11.57
N GLN A 112 -2.16 2.53 -12.12
CA GLN A 112 -2.28 2.71 -13.57
C GLN A 112 -1.15 2.06 -14.34
N ASN A 113 -0.04 1.72 -13.68
CA ASN A 113 1.09 1.12 -14.36
C ASN A 113 0.87 -0.37 -14.52
N GLN A 114 1.19 -0.89 -15.69
CA GLN A 114 1.07 -2.33 -15.88
C GLN A 114 2.27 -3.06 -15.31
N LYS A 115 3.40 -2.34 -15.16
CA LYS A 115 4.63 -2.90 -14.61
C LYS A 115 5.24 -1.94 -13.62
N LEU A 116 5.71 -2.48 -12.52
CA LEU A 116 6.39 -1.71 -11.50
C LEU A 116 7.57 -2.55 -11.04
N ILE A 117 8.68 -1.88 -10.67
CA ILE A 117 9.78 -2.56 -10.02
C ILE A 117 9.96 -1.87 -8.68
N LEU A 118 9.96 -2.66 -7.60
CA LEU A 118 10.03 -2.10 -6.25
C LEU A 118 11.38 -2.46 -5.63
N VAL A 119 12.15 -1.44 -5.23
CA VAL A 119 13.48 -1.68 -4.69
C VAL A 119 13.38 -1.58 -3.17
N CYS A 120 13.79 -2.62 -2.45
CA CYS A 120 13.59 -2.71 -1.00
C CYS A 120 14.95 -2.48 -0.36
N GLY A 121 15.08 -1.33 0.31
CA GLY A 121 16.32 -1.01 1.01
C GLY A 121 16.45 -1.76 2.33
N ARG A 122 17.70 -2.06 2.72
CA ARG A 122 18.03 -2.60 4.03
C ARG A 122 19.21 -1.79 4.56
N TYR A 123 19.63 -2.08 5.80
CA TYR A 123 20.75 -1.33 6.45
C TYR A 123 20.33 0.13 6.55
N GLU A 124 21.20 1.09 6.28
CA GLU A 124 20.78 2.49 6.29
C GLU A 124 20.24 2.94 4.94
N GLY A 125 20.07 2.02 4.00
CA GLY A 125 19.49 2.41 2.72
C GLY A 125 20.46 2.24 1.57
N ILE A 126 20.27 2.99 0.50
CA ILE A 126 21.05 2.81 -0.72
C ILE A 126 21.80 4.10 -1.06
N ASP A 127 22.84 3.96 -1.87
CA ASP A 127 23.62 5.11 -2.31
C ASP A 127 22.75 6.11 -3.07
N GLU A 128 22.92 7.39 -2.74
CA GLU A 128 22.10 8.45 -3.33
C GLU A 128 22.22 8.50 -4.85
N ARG A 129 23.40 8.14 -5.40
CA ARG A 129 23.53 8.19 -6.85
C ARG A 129 22.72 7.12 -7.55
N LEU A 130 22.45 5.99 -6.89
CA LEU A 130 21.54 5.01 -7.50
C LEU A 130 20.12 5.52 -7.53
N ILE A 131 19.73 6.30 -6.52
CA ILE A 131 18.43 6.96 -6.62
C ILE A 131 18.40 7.85 -7.85
N GLN A 132 19.46 8.62 -8.06
CA GLN A 132 19.49 9.51 -9.22
C GLN A 132 19.48 8.73 -10.53
N THR A 133 20.27 7.65 -10.62
CA THR A 133 20.43 6.94 -11.89
C THR A 133 19.42 5.82 -12.13
N GLU A 134 18.82 5.22 -11.09
CA GLU A 134 18.01 4.04 -11.34
C GLU A 134 16.57 4.17 -10.90
N ILE A 135 16.24 5.11 -10.02
CA ILE A 135 14.90 5.17 -9.42
C ILE A 135 14.08 6.26 -10.11
N ASP A 136 12.85 5.92 -10.47
CA ASP A 136 11.92 6.90 -11.01
C ASP A 136 11.23 7.69 -9.91
N GLU A 137 10.65 7.00 -8.92
CA GLU A 137 9.91 7.67 -7.85
C GLU A 137 10.24 7.07 -6.49
N GLU A 138 10.30 7.91 -5.46
CA GLU A 138 10.42 7.45 -4.08
C GLU A 138 9.05 7.59 -3.40
N TRP A 139 8.63 6.58 -2.65
CA TRP A 139 7.33 6.62 -1.96
C TRP A 139 7.50 6.13 -0.53
N SER A 140 6.78 6.73 0.40
CA SER A 140 6.72 6.29 1.80
C SER A 140 5.31 5.76 2.10
N ILE A 141 5.24 4.69 2.92
CA ILE A 141 3.92 4.23 3.38
C ILE A 141 3.44 4.98 4.62
N GLY A 142 4.28 5.79 5.22
CA GLY A 142 3.87 6.54 6.41
C GLY A 142 5.10 7.07 7.12
N ASP A 143 4.87 8.02 8.04
CA ASP A 143 5.99 8.68 8.73
C ASP A 143 6.47 7.87 9.95
N TYR A 144 7.11 6.74 9.66
CA TYR A 144 7.70 5.89 10.69
C TYR A 144 8.80 5.08 10.05
N VAL A 145 9.69 4.51 10.87
CA VAL A 145 10.90 3.85 10.40
C VAL A 145 10.78 2.35 10.63
N LEU A 146 11.12 1.58 9.59
CA LEU A 146 11.07 0.13 9.62
C LEU A 146 12.47 -0.42 9.41
N THR A 147 12.59 -1.74 9.56
CA THR A 147 13.90 -2.35 9.39
C THR A 147 14.24 -2.62 7.93
N GLY A 148 13.29 -2.49 7.02
CA GLY A 148 13.63 -2.64 5.60
C GLY A 148 12.45 -2.23 4.75
N GLY A 149 12.70 -2.15 3.43
CA GLY A 149 11.59 -1.72 2.59
C GLY A 149 10.66 -2.84 2.16
N GLU A 150 10.81 -4.06 2.66
CA GLU A 150 9.97 -5.15 2.19
C GLU A 150 8.50 -5.00 2.65
N LEU A 151 8.27 -4.69 3.93
CA LEU A 151 6.87 -4.51 4.33
C LEU A 151 6.24 -3.33 3.60
N PRO A 152 6.93 -2.20 3.38
CA PRO A 152 6.32 -1.16 2.54
C PRO A 152 6.01 -1.62 1.13
N ALA A 153 6.91 -2.39 0.52
CA ALA A 153 6.65 -2.89 -0.83
C ALA A 153 5.44 -3.82 -0.83
N MET A 154 5.33 -4.73 0.17
CA MET A 154 4.17 -5.62 0.20
CA MET A 154 4.18 -5.63 0.24
C MET A 154 2.90 -4.85 0.43
N THR A 155 2.95 -3.81 1.28
CA THR A 155 1.78 -2.98 1.50
C THR A 155 1.35 -2.33 0.20
N LEU A 156 2.30 -1.80 -0.55
CA LEU A 156 1.98 -1.16 -1.81
C LEU A 156 1.38 -2.17 -2.80
N ILE A 157 1.97 -3.39 -2.88
CA ILE A 157 1.46 -4.40 -3.79
C ILE A 157 0.00 -4.73 -3.44
N ASP A 158 -0.25 -4.94 -2.16
CA ASP A 158 -1.61 -5.30 -1.74
C ASP A 158 -2.57 -4.16 -2.08
N ALA A 159 -2.17 -2.91 -1.82
CA ALA A 159 -3.09 -1.80 -2.06
C ALA A 159 -3.39 -1.66 -3.55
N VAL A 160 -2.37 -1.78 -4.40
CA VAL A 160 -2.60 -1.67 -5.85
C VAL A 160 -3.36 -2.88 -6.39
N ALA A 161 -3.12 -4.07 -5.85
CA ALA A 161 -3.77 -5.27 -6.35
C ALA A 161 -5.30 -5.16 -6.27
N ARG A 162 -5.81 -4.39 -5.29
CA ARG A 162 -7.26 -4.24 -5.16
C ARG A 162 -7.89 -3.54 -6.37
N PHE A 163 -7.09 -2.88 -7.20
CA PHE A 163 -7.57 -2.22 -8.40
C PHE A 163 -7.51 -3.07 -9.66
N ILE A 164 -6.95 -4.27 -9.57
CA ILE A 164 -6.83 -5.12 -10.75
C ILE A 164 -8.19 -5.78 -10.97
N PRO A 165 -8.77 -5.70 -12.16
CA PRO A 165 -10.09 -6.32 -12.37
C PRO A 165 -10.04 -7.80 -12.06
N GLY A 166 -11.00 -8.25 -11.26
CA GLY A 166 -11.11 -9.65 -10.90
C GLY A 166 -10.55 -10.00 -9.54
N VAL A 167 -9.74 -9.13 -8.96
CA VAL A 167 -9.10 -9.48 -7.70
C VAL A 167 -10.11 -9.48 -6.56
N LEU A 168 -10.98 -8.48 -6.52
CA LEU A 168 -12.02 -8.44 -5.49
C LEU A 168 -13.31 -9.04 -6.04
N GLY A 169 -14.34 -9.09 -5.19
CA GLY A 169 -15.68 -9.44 -5.66
C GLY A 169 -16.26 -8.31 -6.51
N ASP A 181 -14.53 6.87 -1.28
CA ASP A 181 -15.07 8.18 -1.66
C ASP A 181 -14.63 9.27 -0.68
N GLY A 182 -13.54 9.01 0.02
CA GLY A 182 -12.96 10.05 0.84
C GLY A 182 -13.36 10.01 2.30
N LEU A 183 -14.36 9.23 2.68
CA LEU A 183 -14.86 9.22 4.06
C LEU A 183 -14.47 7.91 4.76
N LEU A 184 -14.36 7.98 6.08
CA LEU A 184 -14.20 6.75 6.87
C LEU A 184 -15.45 5.88 6.75
N ASP A 185 -15.28 4.57 6.99
CA ASP A 185 -16.36 3.59 6.83
C ASP A 185 -17.40 3.75 7.94
N CYS A 186 -18.65 3.33 7.64
CA CYS A 186 -19.67 3.31 8.68
C CYS A 186 -19.45 2.07 9.54
N PRO A 187 -20.02 2.04 10.76
CA PRO A 187 -19.99 0.80 11.56
C PRO A 187 -20.73 -0.31 10.85
N HIS A 188 -20.33 -1.55 11.12
CA HIS A 188 -20.94 -2.71 10.48
C HIS A 188 -21.33 -3.65 11.60
N TYR A 189 -22.40 -4.42 11.38
CA TYR A 189 -22.90 -5.33 12.42
C TYR A 189 -23.27 -6.66 11.77
N THR A 190 -23.05 -7.74 12.51
CA THR A 190 -23.46 -9.09 12.06
C THR A 190 -24.05 -9.80 13.29
N ARG A 191 -24.39 -11.08 13.13
CA ARG A 191 -25.00 -11.83 14.22
C ARG A 191 -24.04 -11.90 15.41
N PRO A 192 -24.52 -11.90 16.64
CA PRO A 192 -25.96 -11.99 16.93
C PRO A 192 -26.64 -10.63 17.07
N GLU A 193 -27.98 -10.67 17.18
CA GLU A 193 -28.71 -9.41 17.30
C GLU A 193 -28.37 -8.66 18.58
N VAL A 194 -28.04 -9.33 19.68
CA VAL A 194 -27.60 -8.68 20.91
C VAL A 194 -26.27 -9.30 21.33
N LEU A 195 -25.29 -8.44 21.65
CA LEU A 195 -23.93 -8.88 21.97
C LEU A 195 -23.44 -8.10 23.19
N GLU A 196 -23.21 -8.80 24.29
CA GLU A 196 -22.97 -8.20 25.61
C GLU A 196 -23.88 -7.00 25.90
N GLY A 197 -25.17 -7.17 25.59
CA GLY A 197 -26.18 -6.15 25.86
C GLY A 197 -26.30 -5.07 24.81
N LEU A 198 -25.42 -5.06 23.80
CA LEU A 198 -25.44 -4.07 22.72
C LEU A 198 -26.26 -4.59 21.56
N THR A 199 -27.23 -3.82 21.14
CA THR A 199 -28.15 -4.24 20.09
C THR A 199 -27.73 -3.65 18.75
N VAL A 200 -28.14 -4.30 17.68
CA VAL A 200 -27.96 -3.74 16.32
C VAL A 200 -28.92 -2.58 16.12
N PRO A 201 -28.48 -1.46 15.55
CA PRO A 201 -29.43 -0.35 15.17
C PRO A 201 -30.62 -0.87 14.40
N PRO A 202 -31.84 -0.61 14.91
CA PRO A 202 -33.06 -1.13 14.26
C PRO A 202 -33.18 -0.82 12.78
N VAL A 203 -32.73 0.36 12.31
CA VAL A 203 -32.80 0.65 10.89
C VAL A 203 -32.17 -0.46 10.05
N LEU A 204 -31.06 -1.05 10.53
CA LEU A 204 -30.42 -2.10 9.75
C LEU A 204 -31.26 -3.38 9.67
N MET A 205 -32.25 -3.57 10.56
CA MET A 205 -33.18 -4.68 10.44
C MET A 205 -34.48 -4.31 9.73
N SER A 206 -34.67 -3.03 9.40
CA SER A 206 -35.92 -2.51 8.83
C SER A 206 -36.17 -3.03 7.42
N GLY A 207 -35.15 -3.53 6.74
CA GLY A 207 -35.28 -3.79 5.32
C GLY A 207 -35.48 -2.58 4.42
N HIS A 208 -35.51 -1.36 4.98
CA HIS A 208 -35.72 -0.15 4.17
C HIS A 208 -34.39 0.25 3.53
N HIS A 209 -34.19 -0.19 2.27
CA HIS A 209 -32.92 -0.01 1.58
C HIS A 209 -32.44 1.43 1.56
N GLU A 210 -33.35 2.38 1.31
CA GLU A 210 -32.95 3.79 1.24
C GLU A 210 -32.66 4.38 2.62
N GLU A 211 -33.43 4.02 3.65
CA GLU A 211 -33.08 4.47 4.99
C GLU A 211 -31.73 3.89 5.42
N ILE A 212 -31.42 2.67 4.97
CA ILE A 212 -30.16 2.06 5.35
C ILE A 212 -29.01 2.77 4.68
N ARG A 213 -29.16 3.07 3.38
CA ARG A 213 -28.13 3.83 2.66
C ARG A 213 -27.85 5.16 3.35
N LYS A 214 -28.90 5.90 3.71
CA LYS A 214 -28.70 7.22 4.31
C LYS A 214 -28.08 7.12 5.71
N TRP A 215 -28.54 6.17 6.52
CA TRP A 215 -27.93 5.95 7.82
C TRP A 215 -26.44 5.69 7.69
N ARG A 216 -26.05 4.80 6.75
CA ARG A 216 -24.64 4.45 6.60
C ARG A 216 -23.83 5.66 6.18
N LEU A 217 -24.37 6.45 5.26
CA LEU A 217 -23.64 7.63 4.82
C LEU A 217 -23.55 8.64 5.94
N LYS A 218 -24.64 8.85 6.68
CA LYS A 218 -24.58 9.79 7.80
C LYS A 218 -23.56 9.34 8.85
N GLN A 219 -23.51 8.03 9.14
CA GLN A 219 -22.48 7.53 10.07
C GLN A 219 -21.07 7.76 9.55
N SER A 220 -20.84 7.55 8.25
CA SER A 220 -19.49 7.78 7.69
C SER A 220 -19.10 9.24 7.81
N LEU A 221 -20.06 10.15 7.53
CA LEU A 221 -19.79 11.58 7.70
C LEU A 221 -19.53 11.93 9.16
N GLN A 222 -20.35 11.40 10.07
CA GLN A 222 -20.14 11.70 11.49
C GLN A 222 -18.77 11.19 11.97
N ARG A 223 -18.43 9.94 11.63
CA ARG A 223 -17.15 9.39 12.08
CA ARG A 223 -17.15 9.36 12.06
C ARG A 223 -15.98 10.12 11.44
N THR A 224 -16.11 10.52 10.17
CA THR A 224 -15.03 11.30 9.57
C THR A 224 -14.86 12.64 10.29
N TRP A 225 -15.97 13.33 10.57
CA TRP A 225 -15.92 14.61 11.27
C TRP A 225 -15.27 14.48 12.66
N LEU A 226 -15.65 13.45 13.41
CA LEU A 226 -15.15 13.33 14.79
C LEU A 226 -13.70 12.85 14.83
N ARG A 227 -13.31 11.93 13.94
CA ARG A 227 -11.98 11.33 14.05
C ARG A 227 -10.94 11.99 13.18
N ARG A 228 -11.32 12.45 11.98
CA ARG A 228 -10.39 12.95 10.97
C ARG A 228 -11.01 14.14 10.27
N PRO A 229 -11.31 15.22 11.00
CA PRO A 229 -12.02 16.33 10.38
C PRO A 229 -11.26 16.98 9.24
N GLU A 230 -9.92 16.87 9.24
CA GLU A 230 -9.15 17.42 8.13
C GLU A 230 -9.47 16.73 6.80
N LEU A 231 -9.83 15.44 6.83
CA LEU A 231 -10.27 14.78 5.58
C LEU A 231 -11.50 15.45 4.96
N LEU A 232 -12.41 16.02 5.79
CA LEU A 232 -13.57 16.70 5.23
C LEU A 232 -13.19 17.95 4.47
N GLU A 233 -12.15 18.67 4.91
CA GLU A 233 -11.80 19.92 4.26
C GLU A 233 -11.39 19.71 2.80
N GLY A 234 -10.94 18.51 2.43
CA GLY A 234 -10.52 18.19 1.09
C GLY A 234 -11.60 17.66 0.19
N LEU A 235 -12.84 17.57 0.68
CA LEU A 235 -13.93 17.04 -0.10
C LEU A 235 -14.87 18.19 -0.47
N ALA A 236 -15.51 18.04 -1.64
CA ALA A 236 -16.61 18.90 -2.04
C ALA A 236 -17.85 18.04 -1.80
N LEU A 237 -18.45 18.21 -0.62
CA LEU A 237 -19.59 17.36 -0.28
C LEU A 237 -20.77 17.59 -1.22
N THR A 238 -21.51 16.51 -1.52
CA THR A 238 -22.81 16.66 -2.18
C THR A 238 -23.84 17.33 -1.27
N ASP A 239 -24.95 17.77 -1.90
CA ASP A 239 -25.99 18.40 -1.11
C ASP A 239 -26.47 17.40 -0.06
N GLU A 240 -26.64 16.14 -0.46
CA GLU A 240 -27.11 15.14 0.50
C GLU A 240 -26.09 14.93 1.61
N GLN A 241 -24.80 14.87 1.26
CA GLN A 241 -23.78 14.75 2.30
C GLN A 241 -23.76 15.96 3.21
N ARG A 242 -23.93 17.18 2.66
CA ARG A 242 -23.96 18.36 3.53
C ARG A 242 -25.12 18.31 4.54
N LYS A 243 -26.30 17.87 4.10
CA LYS A 243 -27.47 17.77 4.96
C LYS A 243 -27.29 16.72 6.06
N LEU A 244 -26.84 15.51 5.70
CA LEU A 244 -26.62 14.46 6.70
C LEU A 244 -25.53 14.82 7.70
N LEU A 245 -24.45 15.47 7.24
CA LEU A 245 -23.41 15.94 8.16
C LEU A 245 -23.97 16.98 9.13
N LYS A 246 -24.74 17.94 8.62
CA LYS A 246 -25.41 18.90 9.50
C LYS A 246 -26.28 18.19 10.54
N GLU A 247 -27.08 17.21 10.09
CA GLU A 247 -27.91 16.47 11.04
C GLU A 247 -27.06 15.79 12.12
N ALA A 248 -25.98 15.13 11.70
CA ALA A 248 -25.10 14.44 12.67
C ALA A 248 -24.45 15.41 13.66
N GLN A 249 -24.02 16.58 13.19
CA GLN A 249 -23.44 17.56 14.12
C GLN A 249 -24.50 18.13 15.08
N ALA A 250 -25.72 18.38 14.57
CA ALA A 250 -26.84 18.75 15.45
C ALA A 250 -27.11 17.69 16.52
N GLU A 251 -27.19 16.42 16.12
CA GLU A 251 -27.40 15.36 17.09
C GLU A 251 -26.25 15.31 18.10
N HIS A 252 -25.02 15.41 17.61
CA HIS A 252 -23.87 15.37 18.50
C HIS A 252 -23.93 16.47 19.54
N ASN A 253 -24.41 17.65 19.16
CA ASN A 253 -24.50 18.84 20.02
C ASN A 253 -25.81 18.90 20.82
N SER A 254 -26.60 17.82 20.77
CA SER A 254 -27.83 17.70 21.57
C SER A 254 -27.57 16.86 22.82
#